data_2N8U
#
_entry.id   2N8U
#
_entity_poly.entity_id   1
_entity_poly.type   'polypeptide(L)'
_entity_poly.pdbx_seq_one_letter_code
;GSSSGLPPGWEEKQDDRGRSYYVDHNSKTTTWSKPTMQD
;
_entity_poly.pdbx_strand_id   A
#
# COMPACT_ATOMS: atom_id res chain seq x y z
N GLY A 1 6.21 -4.61 -16.77
CA GLY A 1 7.60 -4.21 -16.40
C GLY A 1 7.86 -4.37 -14.92
N SER A 2 9.13 -4.52 -14.55
CA SER A 2 9.52 -4.76 -13.17
C SER A 2 9.04 -3.65 -12.24
N SER A 3 9.22 -2.40 -12.67
CA SER A 3 8.86 -1.22 -11.87
C SER A 3 9.77 -1.06 -10.66
N SER A 4 9.74 0.11 -10.03
CA SER A 4 10.60 0.39 -8.89
C SER A 4 9.82 1.02 -7.74
N GLY A 5 8.51 0.81 -7.74
CA GLY A 5 7.66 1.39 -6.70
C GLY A 5 6.83 0.34 -6.01
N LEU A 6 5.76 0.78 -5.35
CA LEU A 6 4.87 -0.15 -4.66
C LEU A 6 4.07 -0.95 -5.69
N PRO A 7 3.62 -2.17 -5.32
CA PRO A 7 2.89 -3.08 -6.21
C PRO A 7 1.76 -2.40 -6.97
N PRO A 8 1.47 -2.90 -8.18
CA PRO A 8 0.40 -2.36 -9.04
C PRO A 8 -0.89 -2.08 -8.31
N GLY A 9 -1.22 -0.80 -8.17
CA GLY A 9 -2.46 -0.40 -7.56
C GLY A 9 -2.32 -0.07 -6.09
N TRP A 10 -1.09 -0.11 -5.58
CA TRP A 10 -0.86 0.13 -4.16
C TRP A 10 0.15 1.24 -3.95
N GLU A 11 0.07 1.89 -2.80
CA GLU A 11 1.05 2.91 -2.42
C GLU A 11 1.11 2.99 -0.89
N GLU A 12 2.32 3.10 -0.34
CA GLU A 12 2.51 2.96 1.11
C GLU A 12 2.86 4.29 1.77
N LYS A 13 2.07 4.67 2.77
CA LYS A 13 2.31 5.90 3.52
C LYS A 13 2.29 5.62 5.03
N GLN A 14 3.28 6.14 5.74
CA GLN A 14 3.35 5.94 7.18
C GLN A 14 2.52 6.99 7.90
N ASP A 15 2.19 6.73 9.17
CA ASP A 15 1.47 7.70 9.98
C ASP A 15 2.49 8.64 10.64
N ASP A 16 2.04 9.48 11.55
CA ASP A 16 2.94 10.46 12.19
C ASP A 16 3.86 9.79 13.20
N ARG A 17 3.55 8.54 13.56
CA ARG A 17 4.40 7.81 14.49
C ARG A 17 5.49 7.05 13.74
N GLY A 18 5.12 6.36 12.67
CA GLY A 18 6.09 5.66 11.85
C GLY A 18 5.60 4.29 11.39
N ARG A 19 4.32 4.04 11.53
CA ARG A 19 3.74 2.78 11.09
C ARG A 19 3.10 2.99 9.73
N SER A 20 3.46 2.14 8.77
CA SER A 20 3.06 2.37 7.40
C SER A 20 1.77 1.64 7.04
N TYR A 21 0.77 2.40 6.64
CA TYR A 21 -0.47 1.86 6.13
C TYR A 21 -0.48 1.99 4.62
N TYR A 22 -1.38 1.29 3.95
CA TYR A 22 -1.37 1.25 2.51
C TYR A 22 -2.61 1.92 1.94
N VAL A 23 -2.41 2.80 0.99
CA VAL A 23 -3.51 3.36 0.25
C VAL A 23 -3.69 2.56 -1.03
N ASP A 24 -4.81 1.85 -1.08
CA ASP A 24 -5.11 0.97 -2.18
C ASP A 24 -5.83 1.71 -3.28
N HIS A 25 -5.24 1.70 -4.47
CA HIS A 25 -5.83 2.32 -5.64
C HIS A 25 -6.85 1.36 -6.27
N ASN A 26 -6.67 0.09 -5.95
CA ASN A 26 -7.50 -0.97 -6.51
C ASN A 26 -8.97 -0.85 -6.08
N SER A 27 -9.19 -0.69 -4.78
CA SER A 27 -10.53 -0.48 -4.27
C SER A 27 -10.69 0.94 -3.72
N LYS A 28 -9.62 1.71 -3.81
CA LYS A 28 -9.57 3.08 -3.29
C LYS A 28 -9.93 3.13 -1.80
N THR A 29 -8.98 2.75 -0.97
CA THR A 29 -9.15 2.80 0.47
C THR A 29 -7.80 2.84 1.20
N THR A 30 -7.72 3.66 2.24
CA THR A 30 -6.56 3.69 3.10
C THR A 30 -6.75 2.74 4.27
N THR A 31 -6.11 1.58 4.21
CA THR A 31 -6.28 0.56 5.23
C THR A 31 -5.04 -0.32 5.29
N TRP A 32 -5.06 -1.31 6.17
CA TRP A 32 -3.93 -2.22 6.31
C TRP A 32 -4.25 -3.51 5.57
N SER A 33 -3.76 -3.61 4.34
CA SER A 33 -3.97 -4.80 3.54
C SER A 33 -2.67 -5.21 2.87
N LYS A 34 -2.52 -6.50 2.59
CA LYS A 34 -1.38 -6.96 1.83
C LYS A 34 -1.64 -6.81 0.34
N PRO A 35 -0.65 -6.28 -0.38
CA PRO A 35 -0.69 -6.05 -1.82
C PRO A 35 -1.29 -7.19 -2.63
N THR A 36 -1.87 -6.84 -3.78
CA THR A 36 -2.38 -7.82 -4.73
C THR A 36 -1.28 -8.82 -5.08
N MET A 37 -0.11 -8.29 -5.39
CA MET A 37 1.07 -9.12 -5.61
C MET A 37 1.84 -9.23 -4.32
N GLN A 38 1.59 -10.30 -3.58
CA GLN A 38 2.21 -10.51 -2.28
C GLN A 38 3.61 -11.07 -2.46
N ASP A 39 4.59 -10.18 -2.44
CA ASP A 39 5.98 -10.58 -2.58
C ASP A 39 6.89 -9.60 -1.84
N GLY A 1 13.72 -0.53 -17.03
CA GLY A 1 13.18 0.05 -15.77
C GLY A 1 12.21 -0.89 -15.10
N SER A 2 12.55 -1.32 -13.91
CA SER A 2 11.75 -2.30 -13.19
C SER A 2 10.80 -1.61 -12.22
N SER A 3 9.93 -2.38 -11.60
CA SER A 3 8.98 -1.82 -10.65
C SER A 3 9.64 -1.56 -9.30
N SER A 4 10.28 -0.40 -9.19
CA SER A 4 10.89 -0.01 -7.94
C SER A 4 9.91 0.84 -7.13
N GLY A 5 9.05 0.17 -6.40
CA GLY A 5 8.05 0.86 -5.62
C GLY A 5 7.02 -0.11 -5.07
N LEU A 6 5.75 0.26 -5.19
CA LEU A 6 4.67 -0.57 -4.70
C LEU A 6 3.93 -1.23 -5.85
N PRO A 7 3.38 -2.44 -5.62
CA PRO A 7 2.60 -3.19 -6.63
C PRO A 7 1.45 -2.36 -7.23
N PRO A 8 0.97 -2.77 -8.42
CA PRO A 8 -0.08 -2.04 -9.16
C PRO A 8 -1.35 -1.78 -8.35
N GLY A 9 -1.56 -0.53 -7.97
CA GLY A 9 -2.78 -0.15 -7.30
C GLY A 9 -2.58 0.01 -5.80
N TRP A 10 -1.33 0.12 -5.38
CA TRP A 10 -1.02 0.23 -3.96
C TRP A 10 0.04 1.31 -3.72
N GLU A 11 0.02 1.91 -2.53
CA GLU A 11 0.93 2.97 -2.19
C GLU A 11 1.27 2.92 -0.70
N GLU A 12 2.53 2.64 -0.37
CA GLU A 12 2.91 2.50 1.03
C GLU A 12 3.26 3.85 1.65
N LYS A 13 2.42 4.35 2.53
CA LYS A 13 2.66 5.62 3.22
C LYS A 13 2.43 5.47 4.72
N GLN A 14 3.15 6.26 5.51
CA GLN A 14 3.08 6.13 6.96
C GLN A 14 2.44 7.37 7.58
N ASP A 15 1.87 7.20 8.77
CA ASP A 15 1.35 8.32 9.54
C ASP A 15 2.51 9.04 10.21
N ASP A 16 2.20 10.16 10.87
CA ASP A 16 3.18 10.85 11.69
C ASP A 16 3.52 10.00 12.91
N ARG A 17 2.72 8.96 13.11
CA ARG A 17 2.84 8.07 14.26
C ARG A 17 3.90 7.02 13.98
N GLY A 18 4.41 6.98 12.75
CA GLY A 18 5.44 6.03 12.39
C GLY A 18 4.89 4.75 11.80
N ARG A 19 3.57 4.62 11.81
CA ARG A 19 2.93 3.41 11.29
C ARG A 19 2.76 3.51 9.77
N SER A 20 3.45 2.65 9.04
CA SER A 20 3.35 2.65 7.59
C SER A 20 2.20 1.75 7.14
N TYR A 21 1.19 2.36 6.54
CA TYR A 21 0.03 1.65 6.05
C TYR A 21 0.05 1.55 4.54
N TYR A 22 -0.95 0.91 3.98
CA TYR A 22 -1.02 0.73 2.54
C TYR A 22 -2.26 1.40 1.98
N VAL A 23 -2.07 2.29 1.04
CA VAL A 23 -3.17 2.98 0.42
C VAL A 23 -3.57 2.27 -0.85
N ASP A 24 -4.68 1.56 -0.76
CA ASP A 24 -5.21 0.78 -1.85
C ASP A 24 -5.86 1.69 -2.88
N HIS A 25 -5.20 1.82 -4.03
CA HIS A 25 -5.74 2.56 -5.17
C HIS A 25 -6.68 1.68 -5.97
N ASN A 26 -6.57 0.36 -5.73
CA ASN A 26 -7.35 -0.63 -6.48
C ASN A 26 -8.85 -0.50 -6.23
N SER A 27 -9.24 -0.41 -4.97
CA SER A 27 -10.64 -0.25 -4.60
C SER A 27 -10.85 1.07 -3.88
N LYS A 28 -9.73 1.78 -3.65
CA LYS A 28 -9.75 3.12 -3.08
C LYS A 28 -10.04 3.08 -1.58
N THR A 29 -9.03 2.75 -0.79
CA THR A 29 -9.15 2.76 0.66
C THR A 29 -7.77 2.80 1.32
N THR A 30 -7.68 3.39 2.49
CA THR A 30 -6.42 3.49 3.22
C THR A 30 -6.42 2.58 4.44
N THR A 31 -5.76 1.43 4.34
CA THR A 31 -5.79 0.46 5.44
C THR A 31 -4.61 -0.52 5.37
N TRP A 32 -4.56 -1.48 6.28
CA TRP A 32 -3.53 -2.50 6.23
C TRP A 32 -4.08 -3.76 5.56
N SER A 33 -3.79 -3.91 4.27
CA SER A 33 -4.17 -5.09 3.52
C SER A 33 -3.02 -5.59 2.66
N LYS A 34 -2.98 -6.89 2.38
CA LYS A 34 -1.99 -7.42 1.47
C LYS A 34 -2.17 -6.79 0.09
N PRO A 35 -1.07 -6.43 -0.56
CA PRO A 35 -1.08 -5.86 -1.91
C PRO A 35 -1.43 -6.91 -2.97
N THR A 36 -1.71 -6.48 -4.19
CA THR A 36 -2.00 -7.38 -5.29
C THR A 36 -0.74 -8.14 -5.71
N MET A 37 -0.47 -9.20 -4.96
CA MET A 37 0.66 -10.07 -5.22
C MET A 37 0.56 -11.31 -4.33
N GLN A 38 0.42 -12.47 -4.94
CA GLN A 38 0.29 -13.69 -4.17
C GLN A 38 1.67 -14.17 -3.72
N ASP A 39 1.78 -14.53 -2.46
CA ASP A 39 3.05 -14.96 -1.89
C ASP A 39 2.93 -16.39 -1.40
N GLY A 1 16.76 -5.82 -9.95
CA GLY A 1 15.44 -6.35 -9.53
C GLY A 1 14.32 -5.38 -9.82
N SER A 2 13.12 -5.90 -10.06
CA SER A 2 11.98 -5.07 -10.39
C SER A 2 11.26 -4.62 -9.12
N SER A 3 11.15 -3.31 -8.94
CA SER A 3 10.44 -2.75 -7.80
C SER A 3 9.78 -1.42 -8.19
N SER A 4 10.60 -0.40 -8.45
CA SER A 4 10.11 0.94 -8.82
C SER A 4 9.47 1.64 -7.62
N GLY A 5 8.34 1.11 -7.17
CA GLY A 5 7.63 1.70 -6.07
C GLY A 5 6.88 0.66 -5.28
N LEU A 6 5.58 0.81 -5.20
CA LEU A 6 4.73 -0.17 -4.54
C LEU A 6 3.99 -0.99 -5.60
N PRO A 7 3.51 -2.19 -5.23
CA PRO A 7 2.78 -3.08 -6.15
C PRO A 7 1.64 -2.39 -6.89
N PRO A 8 1.27 -2.92 -8.07
CA PRO A 8 0.21 -2.36 -8.92
C PRO A 8 -1.06 -2.01 -8.15
N GLY A 9 -1.34 -0.72 -8.06
CA GLY A 9 -2.56 -0.26 -7.44
C GLY A 9 -2.42 -0.06 -5.94
N TRP A 10 -1.20 -0.08 -5.44
CA TRP A 10 -0.97 0.12 -4.02
C TRP A 10 0.07 1.19 -3.80
N GLU A 11 0.03 1.82 -2.64
CA GLU A 11 0.99 2.86 -2.30
C GLU A 11 1.14 2.99 -0.79
N GLU A 12 2.36 2.85 -0.30
CA GLU A 12 2.61 2.80 1.14
C GLU A 12 2.81 4.19 1.72
N LYS A 13 1.96 4.55 2.67
CA LYS A 13 2.08 5.81 3.39
C LYS A 13 2.09 5.53 4.88
N GLN A 14 2.97 6.18 5.60
CA GLN A 14 3.13 5.94 7.02
C GLN A 14 2.41 7.01 7.83
N ASP A 15 2.00 6.65 9.03
CA ASP A 15 1.45 7.62 9.97
C ASP A 15 2.55 8.58 10.39
N ASP A 16 2.17 9.65 11.08
CA ASP A 16 3.15 10.59 11.62
C ASP A 16 4.00 9.89 12.66
N ARG A 17 3.45 8.82 13.21
CA ARG A 17 4.11 8.08 14.28
C ARG A 17 5.04 6.99 13.73
N GLY A 18 5.21 6.94 12.41
CA GLY A 18 6.21 6.05 11.84
C GLY A 18 5.62 4.84 11.12
N ARG A 19 4.66 4.17 11.75
CA ARG A 19 4.07 2.96 11.19
C ARG A 19 3.51 3.21 9.79
N SER A 20 3.86 2.34 8.86
CA SER A 20 3.46 2.50 7.48
C SER A 20 2.24 1.64 7.14
N TYR A 21 1.21 2.27 6.62
CA TYR A 21 0.03 1.57 6.14
C TYR A 21 -0.05 1.68 4.63
N TYR A 22 -1.12 1.15 4.04
CA TYR A 22 -1.24 1.16 2.59
C TYR A 22 -2.51 1.87 2.14
N VAL A 23 -2.35 2.75 1.17
CA VAL A 23 -3.49 3.31 0.49
C VAL A 23 -3.72 2.52 -0.79
N ASP A 24 -4.91 2.00 -0.90
CA ASP A 24 -5.25 1.09 -1.98
C ASP A 24 -5.89 1.83 -3.15
N HIS A 25 -5.19 1.83 -4.27
CA HIS A 25 -5.70 2.44 -5.49
C HIS A 25 -6.60 1.45 -6.23
N ASN A 26 -6.52 0.19 -5.81
CA ASN A 26 -7.25 -0.89 -6.48
C ASN A 26 -8.75 -0.82 -6.17
N SER A 27 -9.10 -0.66 -4.91
CA SER A 27 -10.50 -0.57 -4.51
C SER A 27 -10.83 0.84 -4.03
N LYS A 28 -9.82 1.72 -4.05
CA LYS A 28 -9.98 3.14 -3.73
C LYS A 28 -10.30 3.36 -2.25
N THR A 29 -9.56 2.69 -1.38
CA THR A 29 -9.72 2.87 0.06
C THR A 29 -8.36 2.89 0.76
N THR A 30 -8.33 3.26 2.03
CA THR A 30 -7.09 3.24 2.80
C THR A 30 -7.24 2.30 3.98
N THR A 31 -6.44 1.24 3.99
CA THR A 31 -6.55 0.24 5.03
C THR A 31 -5.27 -0.57 5.14
N TRP A 32 -5.19 -1.43 6.15
CA TRP A 32 -4.06 -2.33 6.27
C TRP A 32 -4.40 -3.63 5.56
N SER A 33 -3.96 -3.75 4.31
CA SER A 33 -4.25 -4.92 3.51
C SER A 33 -3.01 -5.41 2.79
N LYS A 34 -2.97 -6.69 2.49
CA LYS A 34 -1.90 -7.24 1.68
C LYS A 34 -1.96 -6.66 0.27
N PRO A 35 -0.82 -6.14 -0.21
CA PRO A 35 -0.68 -5.66 -1.59
C PRO A 35 -0.90 -6.77 -2.62
N THR A 36 -1.28 -6.36 -3.84
CA THR A 36 -1.69 -7.27 -4.90
C THR A 36 -2.56 -8.40 -4.33
N MET A 37 -3.80 -8.01 -4.03
CA MET A 37 -4.75 -8.85 -3.31
C MET A 37 -5.04 -10.15 -4.04
N GLN A 38 -5.62 -10.06 -5.22
CA GLN A 38 -6.02 -11.23 -5.97
C GLN A 38 -5.12 -11.45 -7.17
N ASP A 39 -5.32 -12.57 -7.86
CA ASP A 39 -4.56 -12.88 -9.05
C ASP A 39 -5.34 -12.42 -10.27
N GLY A 1 9.98 -5.46 -5.08
CA GLY A 1 11.41 -5.46 -4.68
C GLY A 1 12.24 -4.48 -5.49
N SER A 2 12.27 -4.69 -6.80
CA SER A 2 13.00 -3.79 -7.70
C SER A 2 12.13 -2.59 -8.05
N SER A 3 11.23 -2.25 -7.14
CA SER A 3 10.23 -1.23 -7.38
C SER A 3 10.45 -0.02 -6.47
N SER A 4 10.53 1.15 -7.07
CA SER A 4 10.60 2.39 -6.31
C SER A 4 9.21 2.73 -5.80
N GLY A 5 8.21 2.29 -6.54
CA GLY A 5 6.85 2.45 -6.12
C GLY A 5 6.35 1.20 -5.42
N LEU A 6 5.04 1.11 -5.24
CA LEU A 6 4.45 0.00 -4.53
C LEU A 6 3.73 -0.92 -5.53
N PRO A 7 3.25 -2.11 -5.07
CA PRO A 7 2.47 -3.04 -5.91
C PRO A 7 1.35 -2.32 -6.69
N PRO A 8 0.90 -2.90 -7.81
CA PRO A 8 -0.05 -2.31 -8.76
C PRO A 8 -1.09 -1.38 -8.14
N GLY A 9 -0.76 -0.08 -8.08
CA GLY A 9 -1.71 0.94 -7.67
C GLY A 9 -1.90 1.02 -6.16
N TRP A 10 -1.03 0.40 -5.40
CA TRP A 10 -1.08 0.50 -3.96
C TRP A 10 -0.20 1.65 -3.49
N GLU A 11 -0.65 2.34 -2.45
CA GLU A 11 0.05 3.52 -1.97
C GLU A 11 0.52 3.32 -0.53
N GLU A 12 1.82 3.27 -0.34
CA GLU A 12 2.40 3.08 0.99
C GLU A 12 2.83 4.43 1.56
N LYS A 13 2.18 4.84 2.63
CA LYS A 13 2.54 6.07 3.32
C LYS A 13 2.70 5.76 4.79
N GLN A 14 3.69 6.36 5.43
CA GLN A 14 3.94 6.08 6.83
C GLN A 14 3.42 7.22 7.69
N ASP A 15 2.65 6.86 8.70
CA ASP A 15 2.07 7.82 9.64
C ASP A 15 3.17 8.50 10.45
N ASP A 16 2.85 9.65 11.04
CA ASP A 16 3.81 10.37 11.88
C ASP A 16 4.15 9.53 13.11
N ARG A 17 3.23 8.65 13.47
CA ARG A 17 3.43 7.71 14.58
C ARG A 17 4.38 6.58 14.16
N GLY A 18 4.82 6.64 12.90
CA GLY A 18 5.80 5.68 12.40
C GLY A 18 5.18 4.43 11.83
N ARG A 19 3.86 4.41 11.73
CA ARG A 19 3.16 3.27 11.16
C ARG A 19 3.10 3.39 9.64
N SER A 20 3.86 2.56 8.95
CA SER A 20 3.83 2.55 7.50
C SER A 20 2.63 1.75 7.01
N TYR A 21 1.64 2.43 6.45
CA TYR A 21 0.41 1.80 6.05
C TYR A 21 0.20 1.84 4.55
N TYR A 22 -0.99 1.40 4.14
CA TYR A 22 -1.32 1.29 2.72
C TYR A 22 -2.73 1.82 2.47
N VAL A 23 -2.89 2.59 1.42
CA VAL A 23 -4.20 2.92 0.90
C VAL A 23 -4.19 2.66 -0.59
N ASP A 24 -5.10 1.83 -1.05
CA ASP A 24 -5.03 1.25 -2.39
C ASP A 24 -5.84 2.05 -3.40
N HIS A 25 -5.23 2.32 -4.55
CA HIS A 25 -5.92 2.96 -5.66
C HIS A 25 -6.66 1.93 -6.50
N ASN A 26 -6.13 0.70 -6.49
CA ASN A 26 -6.66 -0.39 -7.32
C ASN A 26 -8.14 -0.67 -7.03
N SER A 27 -8.46 -0.90 -5.77
CA SER A 27 -9.84 -1.13 -5.36
C SER A 27 -10.29 -0.06 -4.38
N LYS A 28 -9.55 1.05 -4.34
CA LYS A 28 -9.82 2.13 -3.39
C LYS A 28 -9.78 1.57 -1.96
N THR A 29 -8.91 0.58 -1.79
CA THR A 29 -8.85 -0.19 -0.56
C THR A 29 -8.25 0.61 0.60
N THR A 30 -8.66 0.22 1.78
CA THR A 30 -8.16 0.77 3.02
C THR A 30 -6.89 0.06 3.48
N THR A 31 -6.31 0.59 4.54
CA THR A 31 -5.03 0.17 5.08
C THR A 31 -5.03 -1.27 5.65
N TRP A 32 -3.96 -1.62 6.37
CA TRP A 32 -3.25 -2.90 6.22
C TRP A 32 -4.16 -4.07 5.91
N SER A 33 -4.24 -4.31 4.62
CA SER A 33 -4.70 -5.55 4.06
C SER A 33 -3.71 -5.88 2.95
N LYS A 34 -3.28 -7.13 2.83
CA LYS A 34 -2.16 -7.44 1.96
C LYS A 34 -2.45 -7.03 0.51
N PRO A 35 -1.46 -6.38 -0.13
CA PRO A 35 -1.59 -5.84 -1.49
C PRO A 35 -1.89 -6.90 -2.55
N THR A 36 -2.45 -6.46 -3.67
CA THR A 36 -2.77 -7.35 -4.77
C THR A 36 -1.57 -7.52 -5.69
N MET A 37 -1.28 -8.76 -6.03
CA MET A 37 -0.19 -9.06 -6.95
C MET A 37 -0.74 -9.49 -8.30
N GLN A 38 0.08 -9.49 -9.32
CA GLN A 38 -0.35 -9.94 -10.63
C GLN A 38 -0.29 -11.47 -10.69
N ASP A 39 -1.44 -12.08 -10.44
CA ASP A 39 -1.52 -13.54 -10.35
C ASP A 39 -2.59 -14.08 -11.29
N GLY A 1 19.47 2.01 -6.88
CA GLY A 1 18.07 2.41 -7.16
C GLY A 1 17.66 3.64 -6.37
N SER A 2 17.17 4.67 -7.05
CA SER A 2 16.73 5.89 -6.39
C SER A 2 15.23 5.85 -6.14
N SER A 3 14.57 4.82 -6.64
CA SER A 3 13.14 4.69 -6.50
C SER A 3 12.76 3.28 -6.04
N SER A 4 11.73 3.19 -5.20
CA SER A 4 11.21 1.91 -4.76
C SER A 4 9.71 2.06 -4.47
N GLY A 5 8.90 1.54 -5.39
CA GLY A 5 7.46 1.70 -5.26
C GLY A 5 6.81 0.51 -4.60
N LEU A 6 5.49 0.49 -4.61
CA LEU A 6 4.73 -0.60 -4.02
C LEU A 6 4.00 -1.37 -5.11
N PRO A 7 3.35 -2.51 -4.77
CA PRO A 7 2.43 -3.23 -5.67
C PRO A 7 1.54 -2.29 -6.50
N PRO A 8 0.95 -2.82 -7.60
CA PRO A 8 0.12 -2.05 -8.54
C PRO A 8 -0.80 -1.02 -7.87
N GLY A 9 -0.36 0.24 -7.86
CA GLY A 9 -1.17 1.33 -7.35
C GLY A 9 -1.43 1.25 -5.85
N TRP A 10 -0.53 0.60 -5.14
CA TRP A 10 -0.65 0.39 -3.73
C TRP A 10 0.15 1.47 -3.00
N GLU A 11 -0.54 2.34 -2.31
CA GLU A 11 0.09 3.56 -1.79
C GLU A 11 0.48 3.42 -0.32
N GLU A 12 1.79 3.37 -0.05
CA GLU A 12 2.28 3.22 1.32
C GLU A 12 2.70 4.57 1.92
N LYS A 13 1.97 5.02 2.93
CA LYS A 13 2.28 6.27 3.61
C LYS A 13 2.36 6.02 5.11
N GLN A 14 3.20 6.77 5.81
CA GLN A 14 3.44 6.53 7.23
C GLN A 14 2.65 7.49 8.12
N ASP A 15 2.46 7.11 9.37
CA ASP A 15 1.71 7.93 10.33
C ASP A 15 2.67 8.66 11.29
N ASP A 16 2.10 9.25 12.33
CA ASP A 16 2.88 10.01 13.32
C ASP A 16 3.91 9.14 14.03
N ARG A 17 3.57 7.89 14.23
CA ARG A 17 4.37 6.99 15.04
C ARG A 17 5.35 6.18 14.19
N GLY A 18 5.34 6.45 12.89
CA GLY A 18 6.29 5.83 12.00
C GLY A 18 5.81 4.49 11.44
N ARG A 19 4.51 4.28 11.47
CA ARG A 19 3.92 3.09 10.88
C ARG A 19 3.54 3.37 9.44
N SER A 20 4.12 2.64 8.51
CA SER A 20 3.79 2.83 7.11
C SER A 20 2.67 1.89 6.69
N TYR A 21 1.51 2.47 6.45
CA TYR A 21 0.34 1.71 6.03
C TYR A 21 0.03 2.00 4.58
N TYR A 22 -0.93 1.28 4.01
CA TYR A 22 -1.15 1.38 2.58
C TYR A 22 -2.62 1.51 2.24
N VAL A 23 -2.88 2.34 1.24
CA VAL A 23 -4.21 2.52 0.67
C VAL A 23 -4.06 2.40 -0.84
N ASP A 24 -4.64 1.36 -1.42
CA ASP A 24 -4.41 1.08 -2.83
C ASP A 24 -5.45 1.75 -3.73
N HIS A 25 -5.02 2.16 -4.91
CA HIS A 25 -5.86 2.88 -5.85
C HIS A 25 -6.73 1.95 -6.71
N ASN A 26 -6.30 0.68 -6.84
CA ASN A 26 -6.98 -0.27 -7.72
C ASN A 26 -8.36 -0.61 -7.19
N SER A 27 -8.39 -1.08 -5.96
CA SER A 27 -9.63 -1.50 -5.34
C SER A 27 -10.08 -0.47 -4.32
N LYS A 28 -9.35 0.66 -4.27
CA LYS A 28 -9.56 1.68 -3.26
C LYS A 28 -9.38 1.03 -1.89
N THR A 29 -8.40 0.12 -1.86
CA THR A 29 -8.16 -0.71 -0.70
C THR A 29 -7.73 0.12 0.50
N THR A 30 -8.16 -0.35 1.65
CA THR A 30 -7.89 0.27 2.92
C THR A 30 -6.53 -0.18 3.47
N THR A 31 -6.15 0.45 4.58
CA THR A 31 -4.89 0.21 5.26
C THR A 31 -4.81 -1.22 5.81
N TRP A 32 -3.78 -1.51 6.62
CA TRP A 32 -3.03 -2.77 6.53
C TRP A 32 -3.89 -3.93 6.07
N SER A 33 -3.83 -4.15 4.76
CA SER A 33 -4.51 -5.21 4.07
C SER A 33 -3.54 -5.82 3.07
N LYS A 34 -3.76 -7.06 2.67
CA LYS A 34 -2.95 -7.66 1.60
C LYS A 34 -3.21 -6.96 0.28
N PRO A 35 -2.14 -6.49 -0.38
CA PRO A 35 -2.19 -5.86 -1.70
C PRO A 35 -3.03 -6.61 -2.73
N THR A 36 -3.33 -5.93 -3.84
CA THR A 36 -4.19 -6.47 -4.89
C THR A 36 -3.50 -7.55 -5.72
N MET A 37 -2.25 -7.85 -5.40
CA MET A 37 -1.50 -8.89 -6.10
C MET A 37 -1.23 -10.06 -5.16
N GLN A 38 -1.38 -11.28 -5.67
CA GLN A 38 -1.25 -12.46 -4.84
C GLN A 38 -0.07 -13.31 -5.29
N ASP A 39 0.65 -13.86 -4.32
CA ASP A 39 1.76 -14.78 -4.59
C ASP A 39 1.89 -15.74 -3.41
N GLY A 1 -12.89 -9.35 2.70
CA GLY A 1 -12.08 -9.20 1.47
C GLY A 1 -11.59 -7.78 1.30
N SER A 2 -10.39 -7.51 1.79
CA SER A 2 -9.86 -6.15 1.76
C SER A 2 -8.53 -6.13 1.02
N SER A 3 -8.31 -5.09 0.23
CA SER A 3 -7.09 -4.99 -0.55
C SER A 3 -6.28 -3.75 -0.13
N SER A 4 -4.98 -3.95 0.09
CA SER A 4 -4.07 -2.86 0.44
C SER A 4 -2.61 -3.28 0.16
N GLY A 5 -1.67 -2.81 0.97
CA GLY A 5 -0.26 -3.08 0.74
C GLY A 5 0.23 -2.30 -0.46
N LEU A 6 1.54 -2.06 -0.59
CA LEU A 6 1.99 -1.60 -1.86
C LEU A 6 2.90 -2.60 -2.55
N PRO A 7 2.27 -3.23 -3.52
CA PRO A 7 2.84 -3.86 -4.69
C PRO A 7 2.92 -2.85 -5.82
N PRO A 8 3.50 -3.25 -6.95
CA PRO A 8 3.19 -2.63 -8.23
C PRO A 8 1.76 -2.10 -8.29
N GLY A 9 1.61 -0.79 -8.48
CA GLY A 9 0.27 -0.23 -8.61
C GLY A 9 -0.23 0.50 -7.37
N TRP A 10 0.37 0.27 -6.22
CA TRP A 10 -0.18 0.74 -4.95
C TRP A 10 0.81 1.63 -4.20
N GLU A 11 0.32 2.34 -3.17
CA GLU A 11 1.20 3.23 -2.40
C GLU A 11 1.08 2.97 -0.90
N GLU A 12 2.11 3.37 -0.16
CA GLU A 12 2.09 3.27 1.30
C GLU A 12 2.34 4.64 1.91
N LYS A 13 1.64 4.95 2.99
CA LYS A 13 1.76 6.24 3.64
C LYS A 13 1.89 6.06 5.16
N GLN A 14 3.04 6.47 5.69
CA GLN A 14 3.32 6.30 7.11
C GLN A 14 2.80 7.48 7.91
N ASP A 15 2.68 7.30 9.22
CA ASP A 15 2.18 8.33 10.11
C ASP A 15 3.34 9.07 10.79
N ASP A 16 3.06 9.77 11.88
CA ASP A 16 4.09 10.49 12.62
C ASP A 16 4.98 9.51 13.40
N ARG A 17 4.42 8.40 13.84
CA ARG A 17 5.15 7.41 14.63
C ARG A 17 6.06 6.58 13.74
N GLY A 18 5.60 6.28 12.54
CA GLY A 18 6.42 5.55 11.59
C GLY A 18 5.80 4.24 11.16
N ARG A 19 4.50 4.11 11.34
CA ARG A 19 3.78 2.92 10.89
C ARG A 19 3.08 3.22 9.57
N SER A 20 3.60 2.63 8.50
CA SER A 20 3.12 2.91 7.17
C SER A 20 1.88 2.07 6.84
N TYR A 21 0.74 2.72 6.75
CA TYR A 21 -0.46 2.05 6.29
C TYR A 21 -0.63 2.26 4.81
N TYR A 22 -1.18 1.27 4.15
CA TYR A 22 -1.15 1.22 2.71
C TYR A 22 -2.41 1.83 2.10
N VAL A 23 -2.21 2.65 1.08
CA VAL A 23 -3.33 3.20 0.34
C VAL A 23 -3.54 2.40 -0.95
N ASP A 24 -4.73 1.82 -1.00
CA ASP A 24 -5.14 0.91 -2.04
C ASP A 24 -5.67 1.64 -3.27
N HIS A 25 -5.05 1.38 -4.41
CA HIS A 25 -5.48 1.96 -5.68
C HIS A 25 -6.63 1.16 -6.31
N ASN A 26 -6.81 -0.07 -5.86
CA ASN A 26 -7.77 -0.98 -6.48
C ASN A 26 -9.20 -0.64 -6.09
N SER A 27 -9.46 -0.55 -4.79
CA SER A 27 -10.80 -0.25 -4.30
C SER A 27 -10.89 1.22 -3.85
N LYS A 28 -9.71 1.86 -3.78
CA LYS A 28 -9.57 3.25 -3.36
C LYS A 28 -9.78 3.39 -1.85
N THR A 29 -9.33 2.39 -1.09
CA THR A 29 -9.39 2.42 0.36
C THR A 29 -7.98 2.63 0.95
N THR A 30 -7.90 2.71 2.27
CA THR A 30 -6.62 2.82 2.95
C THR A 30 -6.67 2.03 4.26
N THR A 31 -6.04 0.86 4.27
CA THR A 31 -6.16 -0.07 5.39
C THR A 31 -4.93 -0.99 5.45
N TRP A 32 -4.89 -1.92 6.40
CA TRP A 32 -3.82 -2.90 6.45
C TRP A 32 -4.29 -4.19 5.80
N SER A 33 -4.01 -4.32 4.52
CA SER A 33 -4.37 -5.50 3.73
C SER A 33 -3.23 -5.86 2.80
N LYS A 34 -3.15 -7.09 2.33
CA LYS A 34 -2.07 -7.49 1.44
C LYS A 34 -2.30 -6.99 0.00
N PRO A 35 -1.16 -6.79 -0.72
CA PRO A 35 -1.08 -6.31 -2.13
C PRO A 35 -2.04 -6.91 -3.17
N THR A 36 -2.19 -6.13 -4.29
CA THR A 36 -2.82 -6.55 -5.56
C THR A 36 -3.45 -7.96 -5.54
N MET A 37 -2.66 -8.97 -5.89
CA MET A 37 -3.12 -10.35 -5.95
C MET A 37 -1.95 -11.27 -5.67
N GLN A 38 -2.25 -12.48 -5.24
CA GLN A 38 -1.21 -13.46 -4.93
C GLN A 38 -0.72 -14.13 -6.21
N ASP A 39 0.36 -13.61 -6.75
CA ASP A 39 0.91 -14.09 -8.01
C ASP A 39 2.17 -14.89 -7.76
N GLY A 1 11.87 10.47 -8.16
CA GLY A 1 11.61 9.05 -8.50
C GLY A 1 11.77 8.16 -7.30
N SER A 2 10.70 7.47 -6.93
CA SER A 2 10.72 6.59 -5.77
C SER A 2 11.78 5.51 -5.94
N SER A 3 12.54 5.29 -4.86
CA SER A 3 13.61 4.30 -4.85
C SER A 3 13.04 2.88 -4.90
N SER A 4 11.85 2.72 -4.35
CA SER A 4 11.14 1.45 -4.39
C SER A 4 9.69 1.70 -4.76
N GLY A 5 9.05 0.71 -5.36
CA GLY A 5 7.68 0.88 -5.79
C GLY A 5 6.76 -0.15 -5.17
N LEU A 6 5.61 0.32 -4.69
CA LEU A 6 4.62 -0.55 -4.07
C LEU A 6 3.88 -1.33 -5.15
N PRO A 7 3.27 -2.49 -4.79
CA PRO A 7 2.53 -3.33 -5.72
C PRO A 7 1.55 -2.54 -6.59
N PRO A 8 1.33 -3.00 -7.83
CA PRO A 8 0.48 -2.32 -8.82
C PRO A 8 -0.84 -1.81 -8.23
N GLY A 9 -0.93 -0.49 -8.11
CA GLY A 9 -2.16 0.14 -7.64
C GLY A 9 -2.08 0.58 -6.20
N TRP A 10 -1.15 0.03 -5.45
CA TRP A 10 -1.10 0.25 -4.01
C TRP A 10 -0.08 1.33 -3.65
N GLU A 11 -0.34 2.05 -2.57
CA GLU A 11 0.50 3.17 -2.19
C GLU A 11 0.82 3.11 -0.69
N GLU A 12 2.10 3.15 -0.35
CA GLU A 12 2.52 3.05 1.05
C GLU A 12 2.76 4.43 1.66
N LYS A 13 1.89 4.81 2.57
CA LYS A 13 2.06 6.04 3.34
C LYS A 13 2.07 5.70 4.80
N GLN A 14 2.77 6.45 5.61
CA GLN A 14 2.94 6.05 6.99
C GLN A 14 2.20 6.98 7.97
N ASP A 15 1.19 6.41 8.63
CA ASP A 15 0.62 6.98 9.85
C ASP A 15 -0.17 5.91 10.61
N ASP A 16 0.47 5.22 11.51
CA ASP A 16 -0.25 4.70 12.66
C ASP A 16 -0.16 5.83 13.65
N ARG A 17 1.08 6.17 13.90
CA ARG A 17 1.49 7.47 14.32
C ARG A 17 2.60 7.87 13.37
N GLY A 18 3.33 6.85 12.92
CA GLY A 18 4.31 7.01 11.87
C GLY A 18 4.66 5.70 11.16
N ARG A 19 3.88 4.64 11.43
CA ARG A 19 4.13 3.34 10.80
C ARG A 19 3.62 3.30 9.37
N SER A 20 4.37 2.66 8.46
CA SER A 20 4.04 2.65 7.04
C SER A 20 2.91 1.68 6.73
N TYR A 21 1.79 2.23 6.25
CA TYR A 21 0.63 1.43 5.93
C TYR A 21 0.35 1.45 4.43
N TYR A 22 -0.72 0.77 4.05
CA TYR A 22 -1.09 0.68 2.64
C TYR A 22 -2.51 1.20 2.42
N VAL A 23 -2.62 2.15 1.52
CA VAL A 23 -3.92 2.57 1.02
C VAL A 23 -3.87 2.49 -0.50
N ASP A 24 -4.87 1.87 -1.07
CA ASP A 24 -4.81 1.40 -2.44
C ASP A 24 -5.54 2.33 -3.40
N HIS A 25 -4.96 2.52 -4.58
CA HIS A 25 -5.62 3.25 -5.65
C HIS A 25 -6.53 2.29 -6.42
N ASN A 26 -6.12 1.03 -6.48
CA ASN A 26 -6.78 0.02 -7.29
C ASN A 26 -8.22 -0.24 -6.83
N SER A 27 -8.35 -0.57 -5.54
CA SER A 27 -9.66 -0.86 -4.96
C SER A 27 -10.06 0.27 -4.02
N LYS A 28 -9.23 1.32 -3.98
CA LYS A 28 -9.37 2.40 -3.00
C LYS A 28 -9.39 1.80 -1.61
N THR A 29 -8.52 0.82 -1.42
CA THR A 29 -8.47 0.02 -0.22
C THR A 29 -7.92 0.78 0.97
N THR A 30 -8.30 0.30 2.13
CA THR A 30 -7.91 0.82 3.41
C THR A 30 -6.56 0.24 3.86
N THR A 31 -6.08 0.74 4.99
CA THR A 31 -4.77 0.50 5.54
C THR A 31 -4.58 -0.97 5.96
N TRP A 32 -3.47 -1.25 6.67
CA TRP A 32 -2.70 -2.49 6.48
C TRP A 32 -3.55 -3.69 6.07
N SER A 33 -3.58 -3.91 4.76
CA SER A 33 -4.20 -5.08 4.16
C SER A 33 -3.26 -5.62 3.09
N LYS A 34 -3.34 -6.92 2.82
CA LYS A 34 -2.50 -7.53 1.79
C LYS A 34 -2.97 -7.09 0.41
N PRO A 35 -2.00 -6.80 -0.47
CA PRO A 35 -2.21 -6.15 -1.77
C PRO A 35 -2.64 -7.13 -2.86
N THR A 36 -3.10 -6.60 -3.99
CA THR A 36 -3.59 -7.42 -5.09
C THR A 36 -2.51 -8.41 -5.54
N MET A 37 -1.33 -7.89 -5.84
CA MET A 37 -0.20 -8.71 -6.33
C MET A 37 -0.51 -9.31 -7.70
N GLN A 38 0.49 -9.88 -8.34
CA GLN A 38 0.29 -10.54 -9.62
C GLN A 38 1.38 -11.58 -9.89
N ASP A 39 0.99 -12.67 -10.52
CA ASP A 39 1.92 -13.72 -10.91
C ASP A 39 1.40 -14.43 -12.15
N GLY A 1 16.71 -0.26 1.88
CA GLY A 1 16.98 -0.99 3.14
C GLY A 1 15.95 -2.06 3.38
N SER A 2 15.55 -2.24 4.63
CA SER A 2 14.48 -3.16 4.98
C SER A 2 13.14 -2.52 4.65
N SER A 3 12.69 -2.71 3.42
CA SER A 3 11.49 -2.05 2.93
C SER A 3 10.24 -2.62 3.59
N SER A 4 10.08 -3.94 3.50
CA SER A 4 8.87 -4.61 3.99
C SER A 4 7.63 -4.03 3.30
N GLY A 5 7.75 -3.84 1.98
CA GLY A 5 6.67 -3.24 1.21
C GLY A 5 5.40 -4.08 1.20
N LEU A 6 4.32 -3.45 0.77
CA LEU A 6 3.01 -4.10 0.72
C LEU A 6 2.94 -5.09 -0.47
N PRO A 7 1.88 -5.94 -0.52
CA PRO A 7 1.55 -6.80 -1.68
C PRO A 7 1.38 -5.93 -2.94
N PRO A 8 1.01 -6.46 -4.11
CA PRO A 8 0.79 -5.61 -5.29
C PRO A 8 -0.65 -5.06 -5.49
N GLY A 9 -0.73 -3.89 -6.14
CA GLY A 9 -1.99 -3.29 -6.60
C GLY A 9 -2.51 -2.07 -5.80
N TRP A 10 -2.15 -1.94 -4.54
CA TRP A 10 -2.57 -0.78 -3.72
C TRP A 10 -1.54 0.33 -3.79
N GLU A 11 -1.82 1.50 -3.23
CA GLU A 11 -0.79 2.52 -3.21
C GLU A 11 -0.29 2.82 -1.80
N GLU A 12 0.95 2.41 -1.55
CA GLU A 12 1.54 2.35 -0.20
C GLU A 12 1.99 3.71 0.32
N LYS A 13 1.44 4.13 1.46
CA LYS A 13 1.94 5.31 2.17
C LYS A 13 2.08 5.00 3.66
N GLN A 14 3.29 4.97 4.18
CA GLN A 14 3.47 4.69 5.60
C GLN A 14 3.92 5.95 6.34
N ASP A 15 3.42 6.11 7.56
CA ASP A 15 3.57 7.36 8.31
C ASP A 15 4.83 7.36 9.19
N ASP A 16 4.92 8.39 10.04
CA ASP A 16 6.03 8.57 10.98
C ASP A 16 6.28 7.31 11.79
N ARG A 17 5.19 6.69 12.25
CA ARG A 17 5.26 5.56 13.14
C ARG A 17 5.64 4.27 12.40
N GLY A 18 5.72 4.37 11.08
CA GLY A 18 6.17 3.25 10.27
C GLY A 18 5.08 2.27 9.94
N ARG A 19 3.84 2.69 10.05
CA ARG A 19 2.72 1.83 9.71
C ARG A 19 2.19 2.18 8.33
N SER A 20 1.98 1.16 7.52
CA SER A 20 1.58 1.36 6.13
C SER A 20 0.09 1.58 6.00
N TYR A 21 -0.30 2.77 5.57
CA TYR A 21 -1.66 2.95 5.12
C TYR A 21 -1.64 3.27 3.65
N TYR A 22 -2.20 2.37 2.89
CA TYR A 22 -2.25 2.52 1.46
C TYR A 22 -3.50 3.28 1.10
N VAL A 23 -3.47 3.99 0.02
CA VAL A 23 -4.65 4.63 -0.46
C VAL A 23 -5.27 3.77 -1.55
N ASP A 24 -6.59 3.87 -1.65
CA ASP A 24 -7.37 3.17 -2.66
C ASP A 24 -6.86 3.34 -4.08
N HIS A 25 -5.81 2.63 -4.38
CA HIS A 25 -5.30 2.54 -5.72
C HIS A 25 -5.98 1.40 -6.50
N ASN A 26 -6.07 0.22 -5.86
CA ASN A 26 -6.57 -0.98 -6.57
C ASN A 26 -8.07 -1.24 -6.39
N SER A 27 -8.53 -1.42 -5.15
CA SER A 27 -9.91 -1.87 -4.92
C SER A 27 -10.74 -0.79 -4.23
N LYS A 28 -10.14 0.38 -4.07
CA LYS A 28 -10.81 1.56 -3.54
C LYS A 28 -11.15 1.48 -2.04
N THR A 29 -10.10 1.37 -1.23
CA THR A 29 -10.15 1.62 0.21
C THR A 29 -8.82 2.24 0.66
N THR A 30 -8.83 3.01 1.73
CA THR A 30 -7.60 3.50 2.33
C THR A 30 -7.47 2.93 3.74
N THR A 31 -6.44 2.12 3.95
CA THR A 31 -6.35 1.30 5.17
C THR A 31 -4.90 0.89 5.48
N TRP A 32 -4.68 0.31 6.66
CA TRP A 32 -3.41 -0.30 7.03
C TRP A 32 -3.15 -1.56 6.20
N SER A 33 -1.98 -2.15 6.36
CA SER A 33 -1.30 -2.89 5.27
C SER A 33 -2.12 -3.97 4.57
N LYS A 34 -2.59 -3.55 3.42
CA LYS A 34 -2.96 -4.37 2.27
C LYS A 34 -1.92 -4.12 1.15
N PRO A 35 -2.06 -4.83 0.01
CA PRO A 35 -1.23 -4.70 -1.24
C PRO A 35 -0.77 -3.29 -1.67
N THR A 36 -0.08 -3.23 -2.84
CA THR A 36 0.64 -2.05 -3.34
C THR A 36 1.27 -2.28 -4.73
N MET A 37 2.34 -3.07 -4.79
CA MET A 37 3.07 -3.31 -6.03
C MET A 37 3.93 -4.56 -5.90
N GLN A 38 4.09 -5.28 -7.01
CA GLN A 38 4.84 -6.53 -7.01
C GLN A 38 6.31 -6.25 -7.32
N ASP A 39 7.02 -5.78 -6.29
CA ASP A 39 8.43 -5.39 -6.40
C ASP A 39 8.66 -4.40 -7.54
N GLY A 1 12.87 -2.82 -1.00
CA GLY A 1 12.29 -4.05 -1.59
C GLY A 1 12.77 -4.28 -3.00
N SER A 2 12.20 -5.29 -3.67
CA SER A 2 12.60 -5.66 -5.02
C SER A 2 12.45 -4.48 -6.00
N SER A 3 11.24 -3.92 -6.05
CA SER A 3 10.94 -2.86 -6.99
C SER A 3 11.22 -1.49 -6.37
N SER A 4 11.41 -0.49 -7.21
CA SER A 4 11.65 0.86 -6.74
C SER A 4 10.37 1.69 -6.83
N GLY A 5 9.28 1.04 -7.22
CA GLY A 5 7.99 1.67 -7.29
C GLY A 5 6.95 0.87 -6.53
N LEU A 6 5.77 1.41 -6.32
CA LEU A 6 4.75 0.72 -5.54
C LEU A 6 3.80 -0.08 -6.44
N PRO A 7 3.46 -1.33 -6.03
CA PRO A 7 2.54 -2.28 -6.73
C PRO A 7 1.04 -2.04 -6.50
N PRO A 8 0.19 -2.57 -7.42
CA PRO A 8 -1.27 -2.41 -7.41
C PRO A 8 -1.88 -2.23 -6.02
N GLY A 9 -2.48 -1.07 -5.79
CA GLY A 9 -2.95 -0.68 -4.47
C GLY A 9 -1.89 0.11 -3.74
N TRP A 10 -0.95 0.49 -4.54
CA TRP A 10 0.16 1.34 -4.19
C TRP A 10 -0.22 2.77 -3.77
N GLU A 11 -0.35 2.99 -2.48
CA GLU A 11 0.05 4.26 -1.92
C GLU A 11 0.60 3.99 -0.55
N GLU A 12 1.92 4.06 -0.40
CA GLU A 12 2.54 3.67 0.85
C GLU A 12 2.66 4.86 1.76
N LYS A 13 1.74 4.91 2.70
CA LYS A 13 1.64 5.99 3.66
C LYS A 13 1.17 5.38 4.97
N GLN A 14 1.55 5.96 6.08
CA GLN A 14 1.08 5.53 7.38
C GLN A 14 1.37 6.64 8.40
N ASP A 15 0.81 6.49 9.58
CA ASP A 15 1.04 7.36 10.72
C ASP A 15 2.54 7.58 10.92
N ASP A 16 2.90 8.68 11.57
CA ASP A 16 4.29 9.15 11.60
C ASP A 16 5.17 8.28 12.49
N ARG A 17 4.59 7.24 13.09
CA ARG A 17 5.32 6.32 13.95
C ARG A 17 5.90 5.14 13.14
N GLY A 18 6.18 5.39 11.86
CA GLY A 18 6.70 4.34 10.99
C GLY A 18 5.71 3.99 9.90
N ARG A 19 5.69 4.79 8.84
CA ARG A 19 4.65 4.70 7.85
C ARG A 19 4.87 3.61 6.81
N SER A 20 4.14 2.53 6.93
CA SER A 20 3.93 1.63 5.81
C SER A 20 2.51 1.07 5.77
N TYR A 21 1.67 1.57 4.89
CA TYR A 21 0.41 0.93 4.57
C TYR A 21 -0.07 1.50 3.26
N TYR A 22 -1.02 0.86 2.60
CA TYR A 22 -1.36 1.30 1.26
C TYR A 22 -2.82 1.67 1.14
N VAL A 23 -3.00 2.71 0.36
CA VAL A 23 -4.28 3.00 -0.20
C VAL A 23 -4.28 2.43 -1.60
N ASP A 24 -5.14 1.43 -1.83
CA ASP A 24 -5.33 0.88 -3.13
C ASP A 24 -6.33 1.71 -3.88
N HIS A 25 -5.83 2.52 -4.78
CA HIS A 25 -6.69 3.24 -5.71
C HIS A 25 -7.41 2.25 -6.61
N ASN A 26 -6.84 1.05 -6.68
CA ASN A 26 -7.41 -0.06 -7.41
C ASN A 26 -8.76 -0.46 -6.82
N SER A 27 -8.76 -0.68 -5.51
CA SER A 27 -9.94 -1.21 -4.83
C SER A 27 -10.64 -0.12 -4.01
N LYS A 28 -10.19 1.12 -4.19
CA LYS A 28 -10.71 2.28 -3.46
C LYS A 28 -10.60 2.05 -1.95
N THR A 29 -9.61 1.29 -1.54
CA THR A 29 -9.49 0.89 -0.14
C THR A 29 -8.31 1.57 0.54
N THR A 30 -8.47 1.87 1.82
CA THR A 30 -7.41 2.41 2.64
C THR A 30 -7.17 1.49 3.83
N THR A 31 -6.14 0.66 3.76
CA THR A 31 -5.97 -0.38 4.75
C THR A 31 -4.50 -0.72 4.98
N TRP A 32 -4.18 -1.25 6.14
CA TRP A 32 -2.85 -1.76 6.37
C TRP A 32 -2.82 -3.19 5.86
N SER A 33 -2.52 -3.32 4.59
CA SER A 33 -2.39 -4.58 3.92
C SER A 33 -1.26 -4.49 2.91
N LYS A 34 -0.65 -5.60 2.57
CA LYS A 34 0.28 -5.59 1.45
C LYS A 34 -0.51 -5.56 0.14
N PRO A 35 -0.17 -4.62 -0.74
CA PRO A 35 -0.93 -4.32 -1.97
C PRO A 35 -1.03 -5.52 -2.92
N THR A 36 -1.99 -5.47 -3.84
CA THR A 36 -2.21 -6.51 -4.84
C THR A 36 -2.84 -7.77 -4.21
N MET A 37 -2.63 -7.95 -2.92
CA MET A 37 -3.07 -9.16 -2.22
C MET A 37 -4.60 -9.27 -2.13
N GLN A 38 -5.22 -8.52 -1.22
CA GLN A 38 -6.62 -8.78 -0.88
C GLN A 38 -7.39 -7.51 -0.52
N ASP A 39 -8.70 -7.55 -0.77
CA ASP A 39 -9.63 -6.50 -0.38
C ASP A 39 -11.05 -6.92 -0.72
#